data_6ZR9
#
_entry.id   6ZR9
#
_cell.length_a   66.810
_cell.length_b   88.600
_cell.length_c   44.290
_cell.angle_alpha   90.000
_cell.angle_beta   90.000
_cell.angle_gamma   90.000
#
_symmetry.space_group_name_H-M   'P 21 21 2'
#
loop_
_entity.id
_entity.type
_entity.pdbx_description
1 polymer 'Carbonic anhydrase 7'
2 non-polymer 'ZINC ION'
3 non-polymer 2-[4-(diphenylmethyl)piperazin-1-yl]-~{N}-(4-sulfamoylphenyl)ethanamide
4 water water
#
_entity_poly.entity_id   1
_entity_poly.type   'polypeptide(L)'
_entity_poly.pdbx_seq_one_letter_code
;MGMTGHHGWGYGQDDGPSHWHKLYPIAQGDRQSPINIISSQAVYSPSLQPLELSYEACMSLSITNNGHSVQVDFNDSDDR
TVVTGGPLEGPYRLKQFHFHWGKKHDVGSEHTVDGKSFPSELHLVHWNAKKYSTFGEAASAPDGLAVVGVFLETGDEHPS
MNRLTDALYMVRFKGTKAQFSCFNPKSLLPASRHYWTYPGSLTTPPLSESVTWIVLREPISISERQMGKFRSLLFTSEDD
ERIHMVNNFRPPQPLKGRVVKASFRALEHHHHHH
;
_entity_poly.pdbx_strand_id   A
#
loop_
_chem_comp.id
_chem_comp.type
_chem_comp.name
_chem_comp.formula
QOZ non-polymer 2-[4-(diphenylmethyl)piperazin-1-yl]-~{N}-(4-sulfamoylphenyl)ethanamide 'C25 H28 N4 O3 S'
ZN non-polymer 'ZINC ION' 'Zn 2'
#
# COMPACT_ATOMS: atom_id res chain seq x y z
N TRP A 9 7.62 -16.84 -4.52
CA TRP A 9 6.49 -16.18 -5.25
C TRP A 9 6.94 -14.86 -5.86
N GLY A 10 6.15 -14.33 -6.79
CA GLY A 10 6.49 -13.08 -7.44
C GLY A 10 5.36 -12.57 -8.31
N TYR A 11 5.70 -11.87 -9.38
CA TYR A 11 4.67 -11.37 -10.31
C TYR A 11 4.96 -11.83 -11.73
N GLY A 12 5.83 -12.84 -11.86
CA GLY A 12 6.19 -13.39 -13.15
C GLY A 12 5.12 -14.32 -13.68
N GLN A 13 5.29 -14.80 -14.92
CA GLN A 13 4.31 -15.68 -15.56
C GLN A 13 4.18 -17.03 -14.86
N ASP A 14 5.21 -17.43 -14.15
CA ASP A 14 5.18 -18.71 -13.46
C ASP A 14 4.83 -18.59 -11.98
N ASP A 15 5.26 -17.51 -11.35
CA ASP A 15 5.01 -17.34 -9.93
C ASP A 15 4.08 -16.18 -9.59
N GLY A 16 3.32 -15.73 -10.57
CA GLY A 16 2.40 -14.62 -10.39
C GLY A 16 1.18 -14.90 -9.50
N PRO A 17 0.40 -13.86 -9.22
CA PRO A 17 -0.81 -13.93 -8.37
C PRO A 17 -1.83 -15.05 -8.66
N SER A 18 -1.99 -15.42 -9.92
CA SER A 18 -2.96 -16.47 -10.25
C SER A 18 -2.48 -17.85 -9.78
N HIS A 19 -1.24 -17.93 -9.33
CA HIS A 19 -0.69 -19.20 -8.86
C HIS A 19 -0.31 -19.21 -7.37
N TRP A 20 -0.40 -18.05 -6.71
CA TRP A 20 -0.07 -17.96 -5.29
C TRP A 20 -0.81 -18.97 -4.42
N HIS A 21 -2.08 -19.24 -4.74
CA HIS A 21 -2.87 -20.16 -3.94
C HIS A 21 -2.22 -21.53 -3.78
N LYS A 22 -1.38 -21.92 -4.74
CA LYS A 22 -0.71 -23.21 -4.66
C LYS A 22 0.19 -23.29 -3.43
N LEU A 23 0.72 -22.14 -2.98
CA LEU A 23 1.58 -22.08 -1.82
C LEU A 23 0.79 -21.58 -0.60
N TYR A 24 -0.07 -20.59 -0.82
CA TYR A 24 -0.88 -20.01 0.24
C TYR A 24 -2.36 -20.19 -0.05
N PRO A 25 -2.96 -21.26 0.48
CA PRO A 25 -4.38 -21.50 0.25
C PRO A 25 -5.30 -20.37 0.70
N ILE A 26 -4.85 -19.52 1.63
CA ILE A 26 -5.71 -18.41 2.06
C ILE A 26 -5.95 -17.44 0.89
N ALA A 27 -5.11 -17.55 -0.15
CA ALA A 27 -5.24 -16.73 -1.36
C ALA A 27 -6.65 -16.78 -1.90
N GLN A 28 -7.38 -17.84 -1.54
CA GLN A 28 -8.76 -18.02 -1.99
C GLN A 28 -9.74 -17.90 -0.85
N GLY A 29 -9.39 -17.12 0.16
CA GLY A 29 -10.26 -16.96 1.32
C GLY A 29 -11.43 -16.01 1.13
N ASP A 30 -12.14 -15.74 2.22
CA ASP A 30 -13.31 -14.86 2.20
C ASP A 30 -13.08 -13.37 2.46
N ARG A 31 -11.84 -12.96 2.69
CA ARG A 31 -11.59 -11.52 2.84
C ARG A 31 -10.23 -11.19 2.28
N GLN A 32 -10.08 -11.47 1.00
CA GLN A 32 -8.85 -11.22 0.28
C GLN A 32 -8.88 -9.85 -0.35
N SER A 33 -7.70 -9.25 -0.50
CA SER A 33 -7.56 -7.93 -1.10
C SER A 33 -6.58 -8.05 -2.24
N PRO A 34 -6.62 -7.09 -3.18
CA PRO A 34 -7.52 -5.93 -3.19
C PRO A 34 -8.90 -6.29 -3.75
N ILE A 35 -9.75 -5.28 -3.87
CA ILE A 35 -11.10 -5.47 -4.40
C ILE A 35 -11.45 -4.32 -5.35
N ASN A 36 -12.51 -4.50 -6.12
CA ASN A 36 -12.96 -3.44 -7.01
C ASN A 36 -14.04 -2.73 -6.22
N ILE A 37 -13.81 -1.45 -5.95
CA ILE A 37 -14.76 -0.65 -5.20
C ILE A 37 -15.82 -0.14 -6.15
N ILE A 38 -17.07 -0.52 -5.87
CA ILE A 38 -18.23 -0.09 -6.64
C ILE A 38 -18.81 1.02 -5.79
N SER A 39 -18.50 2.25 -6.16
CA SER A 39 -18.93 3.41 -5.40
C SER A 39 -20.41 3.47 -5.03
N SER A 40 -21.28 3.21 -5.99
CA SER A 40 -22.72 3.25 -5.74
C SER A 40 -23.13 2.20 -4.72
N GLN A 41 -22.26 1.22 -4.48
CA GLN A 41 -22.60 0.17 -3.54
C GLN A 41 -21.97 0.33 -2.16
N ALA A 42 -21.01 1.25 -2.02
CA ALA A 42 -20.40 1.46 -0.72
C ALA A 42 -21.47 2.05 0.20
N VAL A 43 -21.44 1.68 1.48
CA VAL A 43 -22.43 2.19 2.43
C VAL A 43 -21.92 3.41 3.18
N TYR A 44 -22.60 4.54 3.00
CA TYR A 44 -22.20 5.75 3.70
C TYR A 44 -22.33 5.48 5.21
N SER A 45 -21.23 5.60 5.93
CA SER A 45 -21.23 5.35 7.38
C SER A 45 -20.72 6.53 8.19
N PRO A 46 -21.62 7.47 8.52
CA PRO A 46 -21.29 8.67 9.31
C PRO A 46 -20.96 8.41 10.77
N SER A 47 -21.20 7.18 11.22
CA SER A 47 -20.91 6.80 12.61
C SER A 47 -19.40 6.74 12.83
N LEU A 48 -18.65 6.53 11.75
CA LEU A 48 -17.18 6.47 11.83
C LEU A 48 -16.58 7.78 12.31
N GLN A 49 -15.50 7.68 13.08
CA GLN A 49 -14.81 8.86 13.59
C GLN A 49 -13.96 9.44 12.47
N PRO A 50 -13.42 10.65 12.67
CA PRO A 50 -12.61 11.23 11.60
C PRO A 50 -11.31 10.48 11.45
N LEU A 51 -10.87 10.32 10.21
CA LEU A 51 -9.61 9.63 9.97
C LEU A 51 -8.49 10.61 10.20
N GLU A 52 -7.57 10.26 11.08
CA GLU A 52 -6.43 11.13 11.36
C GLU A 52 -5.09 10.45 11.14
N LEU A 53 -4.23 11.12 10.39
CA LEU A 53 -2.91 10.61 10.09
C LEU A 53 -1.89 11.54 10.71
N SER A 54 -1.51 11.26 11.95
CA SER A 54 -0.54 12.06 12.67
C SER A 54 0.85 11.47 12.50
N TYR A 55 1.54 11.97 11.48
CA TYR A 55 2.88 11.53 11.13
C TYR A 55 3.94 12.56 11.47
N GLU A 56 5.05 12.10 12.01
CA GLU A 56 6.13 13.02 12.33
C GLU A 56 7.08 13.11 11.14
N ALA A 57 7.90 14.15 11.14
CA ALA A 57 8.83 14.41 10.06
C ALA A 57 10.05 13.50 9.95
N CYS A 58 10.65 13.12 11.07
CA CYS A 58 11.84 12.28 10.95
C CYS A 58 11.76 10.93 11.65
N MET A 59 10.92 10.06 11.13
CA MET A 59 10.75 8.73 11.69
C MET A 59 11.24 7.65 10.72
N SER A 60 11.51 8.06 9.47
CA SER A 60 11.96 7.13 8.43
C SER A 60 13.38 6.67 8.66
N LEU A 61 13.64 5.42 8.29
CA LEU A 61 14.95 4.82 8.48
C LEU A 61 15.68 4.52 7.19
N SER A 62 15.02 3.79 6.31
CA SER A 62 15.66 3.39 5.07
C SER A 62 14.70 3.10 3.92
N ILE A 63 15.27 2.91 2.74
CA ILE A 63 14.51 2.60 1.55
C ILE A 63 15.15 1.31 1.07
N THR A 64 14.33 0.34 0.68
CA THR A 64 14.85 -0.96 0.27
C THR A 64 14.15 -1.57 -0.92
N ASN A 65 14.91 -2.14 -1.85
CA ASN A 65 14.33 -2.84 -2.98
C ASN A 65 14.34 -4.28 -2.49
N ASN A 66 13.17 -4.77 -2.08
CA ASN A 66 13.08 -6.12 -1.57
C ASN A 66 12.73 -7.12 -2.66
N GLY A 67 12.79 -6.70 -3.90
CA GLY A 67 12.47 -7.61 -4.99
C GLY A 67 10.99 -7.68 -5.33
N HIS A 68 10.14 -7.07 -4.50
CA HIS A 68 8.70 -7.08 -4.75
C HIS A 68 8.19 -5.66 -4.91
N SER A 69 8.87 -4.73 -4.27
CA SER A 69 8.51 -3.32 -4.32
C SER A 69 9.67 -2.56 -3.71
N VAL A 70 9.53 -1.25 -3.65
CA VAL A 70 10.53 -0.43 -2.97
C VAL A 70 9.79 -0.02 -1.71
N GLN A 71 10.40 -0.30 -0.55
CA GLN A 71 9.80 -0.03 0.74
C GLN A 71 10.63 0.87 1.66
N VAL A 72 9.94 1.82 2.30
CA VAL A 72 10.56 2.74 3.24
C VAL A 72 10.13 2.27 4.63
N ASP A 73 11.09 1.98 5.49
CA ASP A 73 10.78 1.49 6.82
C ASP A 73 10.85 2.57 7.88
N PHE A 74 10.01 2.44 8.91
CA PHE A 74 9.95 3.44 9.96
C PHE A 74 10.25 2.91 11.34
N ASN A 75 10.63 3.83 12.21
CA ASN A 75 10.88 3.48 13.58
C ASN A 75 9.48 3.42 14.21
N ASP A 76 9.10 2.25 14.72
CA ASP A 76 7.78 2.10 15.33
C ASP A 76 7.89 1.75 16.82
N SER A 77 8.94 2.22 17.46
CA SER A 77 9.19 1.97 18.88
C SER A 77 8.13 2.63 19.75
N ASP A 78 7.48 3.65 19.24
CA ASP A 78 6.41 4.31 19.99
C ASP A 78 5.30 4.70 19.02
N ASP A 79 4.40 5.55 19.46
CA ASP A 79 3.29 5.96 18.61
C ASP A 79 3.25 7.42 18.24
N ARG A 80 4.31 7.89 17.60
CA ARG A 80 4.38 9.29 17.17
C ARG A 80 4.04 9.36 15.70
N THR A 81 3.86 8.19 15.09
CA THR A 81 3.50 8.11 13.68
C THR A 81 2.43 7.04 13.59
N VAL A 82 1.19 7.47 13.77
CA VAL A 82 0.07 6.55 13.78
C VAL A 82 -1.11 7.02 12.95
N VAL A 83 -2.01 6.08 12.65
CA VAL A 83 -3.25 6.39 11.96
C VAL A 83 -4.28 6.08 13.04
N THR A 84 -5.31 6.90 13.12
CA THR A 84 -6.33 6.67 14.12
C THR A 84 -7.66 7.18 13.61
N GLY A 85 -8.74 6.84 14.31
CA GLY A 85 -10.05 7.28 13.88
C GLY A 85 -10.63 6.43 12.75
N GLY A 86 -11.67 6.94 12.09
CA GLY A 86 -12.30 6.21 11.01
C GLY A 86 -12.86 4.90 11.55
N PRO A 87 -12.54 3.74 10.92
CA PRO A 87 -13.04 2.45 11.38
C PRO A 87 -12.18 1.84 12.49
N LEU A 88 -11.04 2.45 12.77
CA LEU A 88 -10.13 1.91 13.78
C LEU A 88 -10.54 2.24 15.21
N GLU A 89 -10.37 1.28 16.11
CA GLU A 89 -10.74 1.53 17.49
C GLU A 89 -9.59 2.07 18.31
N GLY A 90 -8.39 2.02 17.76
CA GLY A 90 -7.24 2.54 18.47
C GLY A 90 -6.15 2.97 17.50
N PRO A 91 -5.01 3.46 18.01
CA PRO A 91 -3.89 3.92 17.19
C PRO A 91 -3.13 2.72 16.60
N TYR A 92 -2.73 2.85 15.34
CA TYR A 92 -1.95 1.83 14.65
C TYR A 92 -0.68 2.52 14.18
N ARG A 93 0.47 2.00 14.59
CA ARG A 93 1.76 2.60 14.23
C ARG A 93 2.23 2.26 12.85
N LEU A 94 2.79 3.26 12.17
CA LEU A 94 3.30 3.08 10.82
C LEU A 94 4.60 2.28 10.85
N LYS A 95 4.63 1.19 10.08
CA LYS A 95 5.79 0.31 9.99
C LYS A 95 6.59 0.57 8.73
N GLN A 96 5.88 0.74 7.62
CA GLN A 96 6.53 0.96 6.34
C GLN A 96 5.51 1.34 5.28
N PHE A 97 6.00 1.84 4.15
CA PHE A 97 5.10 2.12 3.03
C PHE A 97 5.85 1.64 1.81
N HIS A 98 5.11 1.24 0.78
CA HIS A 98 5.70 0.75 -0.46
C HIS A 98 4.69 1.05 -1.56
N PHE A 99 5.02 0.70 -2.81
CA PHE A 99 4.11 0.97 -3.92
C PHE A 99 3.88 -0.23 -4.84
N HIS A 100 2.85 -0.10 -5.67
CA HIS A 100 2.51 -1.09 -6.69
C HIS A 100 2.27 -0.24 -7.93
N TRP A 101 2.80 -0.66 -9.07
CA TRP A 101 2.63 0.10 -10.30
C TRP A 101 2.68 -0.81 -11.52
N GLY A 102 2.39 -0.25 -12.69
CA GLY A 102 2.38 -1.05 -13.89
C GLY A 102 3.43 -0.75 -14.94
N LYS A 103 3.34 -1.47 -16.06
CA LYS A 103 4.25 -1.28 -17.17
C LYS A 103 3.75 -0.10 -17.97
N LYS A 104 2.43 -0.02 -18.16
CA LYS A 104 1.84 1.08 -18.90
C LYS A 104 1.09 1.97 -17.95
N HIS A 105 0.90 3.23 -18.36
CA HIS A 105 0.21 4.22 -17.54
C HIS A 105 -1.22 3.88 -17.17
N ASP A 106 -1.84 2.95 -17.88
CA ASP A 106 -3.24 2.60 -17.59
C ASP A 106 -3.47 1.51 -16.55
N VAL A 107 -2.40 1.04 -15.90
CA VAL A 107 -2.54 0.00 -14.89
C VAL A 107 -1.45 0.11 -13.85
N GLY A 108 -1.62 -0.61 -12.75
CA GLY A 108 -0.64 -0.58 -11.69
C GLY A 108 -1.23 -0.59 -10.30
N SER A 109 -2.39 0.05 -10.11
CA SER A 109 -3.00 0.06 -8.79
C SER A 109 -3.58 -1.33 -8.50
N GLU A 110 -3.74 -1.64 -7.21
CA GLU A 110 -4.28 -2.92 -6.84
C GLU A 110 -5.78 -2.73 -6.73
N HIS A 111 -6.22 -1.77 -5.92
CA HIS A 111 -7.65 -1.53 -5.85
C HIS A 111 -8.03 -0.81 -7.13
N THR A 112 -9.31 -0.92 -7.49
CA THR A 112 -9.86 -0.26 -8.65
C THR A 112 -11.14 0.39 -8.14
N VAL A 113 -11.60 1.41 -8.84
CA VAL A 113 -12.84 2.08 -8.46
C VAL A 113 -13.76 2.01 -9.67
N ASP A 114 -14.86 1.29 -9.53
CA ASP A 114 -15.81 1.12 -10.63
C ASP A 114 -15.10 0.66 -11.89
N GLY A 115 -14.21 -0.32 -11.71
CA GLY A 115 -13.45 -0.90 -12.81
C GLY A 115 -12.25 -0.11 -13.29
N LYS A 116 -11.90 0.95 -12.58
CA LYS A 116 -10.77 1.77 -13.00
C LYS A 116 -9.50 1.70 -12.17
N SER A 117 -8.37 1.53 -12.85
CA SER A 117 -7.06 1.46 -12.20
C SER A 117 -6.36 2.80 -12.33
N PHE A 118 -5.30 2.98 -11.55
CA PHE A 118 -4.49 4.19 -11.59
C PHE A 118 -3.11 3.64 -11.89
N PRO A 119 -2.18 4.46 -12.39
CA PRO A 119 -0.85 3.91 -12.67
C PRO A 119 -0.09 3.38 -11.44
N SER A 120 -0.52 3.79 -10.25
CA SER A 120 0.16 3.34 -9.05
C SER A 120 -0.70 3.49 -7.81
N GLU A 121 -0.33 2.75 -6.77
CA GLU A 121 -1.05 2.79 -5.52
C GLU A 121 -0.01 2.70 -4.41
N LEU A 122 -0.14 3.60 -3.43
CA LEU A 122 0.78 3.63 -2.29
C LEU A 122 0.14 2.95 -1.08
N HIS A 123 0.92 2.15 -0.37
CA HIS A 123 0.42 1.49 0.84
C HIS A 123 1.18 1.88 2.10
N LEU A 124 0.44 2.45 3.06
CA LEU A 124 0.98 2.84 4.36
C LEU A 124 0.51 1.76 5.32
N VAL A 125 1.46 0.92 5.73
CA VAL A 125 1.21 -0.22 6.59
C VAL A 125 1.39 0.05 8.07
N HIS A 126 0.31 -0.11 8.84
CA HIS A 126 0.35 0.14 10.27
C HIS A 126 -0.03 -1.12 11.03
N TRP A 127 0.39 -1.23 12.28
CA TRP A 127 0.01 -2.40 13.08
C TRP A 127 -0.43 -1.99 14.47
N ASN A 128 -1.27 -2.84 15.06
CA ASN A 128 -1.82 -2.60 16.38
C ASN A 128 -0.82 -3.00 17.46
N ALA A 129 0.20 -2.17 17.63
CA ALA A 129 1.25 -2.43 18.60
C ALA A 129 0.73 -2.29 20.01
N LYS A 130 -0.45 -1.70 20.14
CA LYS A 130 -1.07 -1.49 21.43
C LYS A 130 -1.40 -2.85 22.04
N LYS A 131 -1.99 -3.75 21.25
CA LYS A 131 -2.33 -5.05 21.80
C LYS A 131 -1.46 -6.20 21.35
N TYR A 132 -0.67 -6.03 20.31
CA TYR A 132 0.19 -7.12 19.87
C TYR A 132 1.65 -6.80 20.12
N SER A 133 2.43 -7.84 20.42
CA SER A 133 3.84 -7.69 20.73
C SER A 133 4.77 -7.41 19.57
N THR A 134 4.43 -7.90 18.40
CA THR A 134 5.29 -7.68 17.24
C THR A 134 4.44 -7.52 16.01
N PHE A 135 5.02 -6.94 14.98
CA PHE A 135 4.32 -6.74 13.73
C PHE A 135 3.90 -8.11 13.23
N GLY A 136 4.81 -9.08 13.29
CA GLY A 136 4.53 -10.43 12.83
C GLY A 136 3.33 -11.04 13.54
N GLU A 137 3.21 -10.78 14.83
CA GLU A 137 2.10 -11.27 15.62
C GLU A 137 0.80 -10.61 15.15
N ALA A 138 0.80 -9.28 15.03
CA ALA A 138 -0.40 -8.56 14.59
C ALA A 138 -0.85 -8.93 13.17
N ALA A 139 0.11 -9.29 12.31
CA ALA A 139 -0.16 -9.65 10.92
C ALA A 139 -1.04 -10.90 10.76
N SER A 140 -1.23 -11.62 11.85
CA SER A 140 -2.06 -12.82 11.82
C SER A 140 -3.41 -12.63 12.52
N ALA A 141 -3.65 -11.45 13.08
CA ALA A 141 -4.91 -11.18 13.78
C ALA A 141 -5.85 -10.33 12.92
N PRO A 142 -7.15 -10.61 12.98
CA PRO A 142 -8.12 -9.85 12.17
C PRO A 142 -8.02 -8.33 12.36
N ASP A 143 -7.72 -7.93 13.59
CA ASP A 143 -7.61 -6.52 13.97
C ASP A 143 -6.15 -6.09 14.11
N GLY A 144 -5.25 -6.88 13.55
CA GLY A 144 -3.84 -6.54 13.70
C GLY A 144 -3.26 -5.45 12.84
N LEU A 145 -3.77 -5.27 11.63
CA LEU A 145 -3.17 -4.30 10.72
C LEU A 145 -4.11 -3.31 10.10
N ALA A 146 -3.59 -2.13 9.78
CA ALA A 146 -4.36 -1.10 9.11
C ALA A 146 -3.49 -0.53 8.00
N VAL A 147 -3.93 -0.72 6.76
CA VAL A 147 -3.20 -0.19 5.62
C VAL A 147 -4.01 0.90 4.94
N VAL A 148 -3.38 2.07 4.80
CA VAL A 148 -4.00 3.18 4.15
C VAL A 148 -3.46 3.16 2.73
N GLY A 149 -4.38 3.07 1.77
CA GLY A 149 -4.00 3.06 0.38
C GLY A 149 -4.28 4.40 -0.25
N VAL A 150 -3.33 4.88 -1.04
CA VAL A 150 -3.44 6.14 -1.74
C VAL A 150 -3.14 5.91 -3.22
N PHE A 151 -4.10 6.26 -4.07
CA PHE A 151 -3.93 6.11 -5.50
C PHE A 151 -3.01 7.22 -6.01
N LEU A 152 -2.26 6.91 -7.06
CA LEU A 152 -1.39 7.89 -7.69
C LEU A 152 -1.76 7.97 -9.17
N GLU A 153 -1.88 9.19 -9.69
CA GLU A 153 -2.16 9.38 -11.11
C GLU A 153 -1.04 10.30 -11.62
N THR A 154 -0.79 10.31 -12.91
CA THR A 154 0.26 11.17 -13.43
C THR A 154 -0.33 12.53 -13.80
N GLY A 155 0.45 13.57 -13.56
CA GLY A 155 0.03 14.92 -13.85
C GLY A 155 1.20 15.80 -13.47
N ASP A 156 0.99 16.78 -12.61
CA ASP A 156 2.07 17.67 -12.20
C ASP A 156 3.06 16.97 -11.29
N GLU A 157 4.30 17.42 -11.37
CA GLU A 157 5.38 16.86 -10.57
C GLU A 157 5.06 17.04 -9.09
N HIS A 158 5.36 16.01 -8.30
CA HIS A 158 5.15 16.04 -6.85
C HIS A 158 6.46 16.44 -6.19
N PRO A 159 6.51 17.62 -5.58
CA PRO A 159 7.73 18.11 -4.92
C PRO A 159 8.39 17.09 -4.01
N SER A 160 7.68 16.70 -2.97
CA SER A 160 8.21 15.73 -2.01
C SER A 160 8.56 14.38 -2.63
N MET A 161 7.81 13.94 -3.62
CA MET A 161 8.11 12.67 -4.25
C MET A 161 9.55 12.61 -4.79
N ASN A 162 10.10 13.76 -5.19
CA ASN A 162 11.48 13.80 -5.73
C ASN A 162 12.48 13.16 -4.78
N ARG A 163 12.25 13.37 -3.48
CA ARG A 163 13.09 12.83 -2.43
C ARG A 163 13.18 11.32 -2.63
N LEU A 164 12.05 10.70 -2.90
CA LEU A 164 12.01 9.27 -3.12
C LEU A 164 12.53 8.96 -4.55
N THR A 165 12.07 9.74 -5.53
CA THR A 165 12.48 9.58 -6.93
C THR A 165 14.01 9.56 -7.07
N ASP A 166 14.67 10.51 -6.42
CA ASP A 166 16.12 10.65 -6.47
C ASP A 166 16.88 9.56 -5.73
N ALA A 167 16.17 8.77 -4.94
CA ALA A 167 16.77 7.69 -4.16
C ALA A 167 16.66 6.34 -4.86
N LEU A 168 15.75 6.24 -5.83
CA LEU A 168 15.53 4.97 -6.51
C LEU A 168 16.77 4.39 -7.19
N TYR A 169 17.64 5.27 -7.69
CA TYR A 169 18.86 4.81 -8.34
C TYR A 169 19.68 3.87 -7.44
N MET A 170 19.89 4.28 -6.19
CA MET A 170 20.65 3.49 -5.24
C MET A 170 20.08 2.11 -4.97
N VAL A 171 18.78 1.93 -5.16
CA VAL A 171 18.19 0.64 -4.89
C VAL A 171 17.59 -0.02 -6.12
N ARG A 172 18.18 0.23 -7.29
CA ARG A 172 17.63 -0.36 -8.49
C ARG A 172 17.67 -1.89 -8.49
N PHE A 173 18.64 -2.46 -7.80
CA PHE A 173 18.78 -3.92 -7.75
C PHE A 173 18.12 -4.55 -6.54
N LYS A 174 17.51 -5.71 -6.75
CA LYS A 174 16.85 -6.44 -5.68
C LYS A 174 17.82 -6.65 -4.52
N GLY A 175 17.31 -6.60 -3.29
CA GLY A 175 18.17 -6.82 -2.15
C GLY A 175 19.08 -5.67 -1.75
N THR A 176 18.81 -4.47 -2.24
CA THR A 176 19.64 -3.34 -1.89
C THR A 176 18.83 -2.37 -1.04
N LYS A 177 19.50 -1.68 -0.14
CA LYS A 177 18.83 -0.72 0.72
C LYS A 177 19.75 0.46 1.01
N ALA A 178 19.18 1.54 1.49
CA ALA A 178 19.97 2.71 1.80
C ALA A 178 19.28 3.50 2.88
N GLN A 179 20.06 4.32 3.59
CA GLN A 179 19.53 5.15 4.66
C GLN A 179 18.59 6.14 4.03
N PHE A 180 17.49 6.45 4.72
CA PHE A 180 16.48 7.36 4.20
C PHE A 180 15.89 8.10 5.38
N SER A 181 16.62 9.11 5.85
CA SER A 181 16.21 9.91 6.99
C SER A 181 15.33 11.09 6.64
N CYS A 182 14.50 11.46 7.61
CA CYS A 182 13.59 12.59 7.54
C CYS A 182 12.64 12.71 6.36
N PHE A 183 11.97 11.63 6.01
CA PHE A 183 10.98 11.72 4.96
C PHE A 183 9.67 11.63 5.69
N ASN A 184 8.83 12.65 5.54
CA ASN A 184 7.54 12.63 6.21
C ASN A 184 6.53 12.09 5.25
N PRO A 185 5.99 10.90 5.53
CA PRO A 185 4.98 10.30 4.65
C PRO A 185 3.70 11.15 4.55
N LYS A 186 3.50 12.10 5.46
CA LYS A 186 2.30 12.94 5.35
C LYS A 186 2.36 13.71 4.04
N SER A 187 3.57 13.97 3.58
CA SER A 187 3.76 14.70 2.33
C SER A 187 3.21 13.94 1.12
N LEU A 188 2.85 12.66 1.32
CA LEU A 188 2.32 11.85 0.22
C LEU A 188 0.82 11.67 0.30
N LEU A 189 0.17 12.45 1.16
CA LEU A 189 -1.27 12.34 1.31
C LEU A 189 -2.02 13.41 0.53
N PRO A 190 -3.25 13.10 0.12
CA PRO A 190 -4.04 14.09 -0.63
C PRO A 190 -4.62 15.05 0.41
N ALA A 191 -5.28 16.11 -0.03
CA ALA A 191 -5.85 17.08 0.90
C ALA A 191 -7.15 16.61 1.53
N SER A 192 -7.72 15.53 1.02
CA SER A 192 -8.96 15.03 1.56
C SER A 192 -8.71 13.77 2.36
N ARG A 193 -9.52 13.58 3.38
CA ARG A 193 -9.40 12.41 4.24
C ARG A 193 -10.60 11.49 4.09
N HIS A 194 -11.32 11.64 2.99
CA HIS A 194 -12.47 10.79 2.73
C HIS A 194 -11.91 9.44 2.26
N TYR A 195 -12.62 8.37 2.57
CA TYR A 195 -12.13 7.05 2.22
C TYR A 195 -13.23 6.01 2.18
N TRP A 196 -12.83 4.82 1.74
CA TRP A 196 -13.68 3.64 1.70
C TRP A 196 -12.94 2.73 2.66
N THR A 197 -13.64 1.85 3.36
CA THR A 197 -12.98 0.94 4.26
C THR A 197 -13.71 -0.39 4.21
N TYR A 198 -12.96 -1.47 4.34
CA TYR A 198 -13.53 -2.80 4.31
C TYR A 198 -12.52 -3.77 4.93
N PRO A 199 -12.97 -4.93 5.43
CA PRO A 199 -12.07 -5.91 6.03
C PRO A 199 -11.40 -6.75 4.94
N GLY A 200 -10.07 -6.75 4.91
CA GLY A 200 -9.37 -7.50 3.89
C GLY A 200 -8.14 -8.23 4.35
N SER A 201 -7.14 -8.30 3.46
CA SER A 201 -5.91 -9.03 3.72
C SER A 201 -4.69 -8.31 3.14
N LEU A 202 -3.53 -8.95 3.32
CA LEU A 202 -2.30 -8.43 2.73
C LEU A 202 -2.50 -8.78 1.25
N THR A 203 -1.89 -8.02 0.35
CA THR A 203 -2.07 -8.32 -1.07
C THR A 203 -0.91 -9.13 -1.64
N THR A 204 0.01 -9.52 -0.77
CA THR A 204 1.12 -10.38 -1.19
C THR A 204 1.19 -11.46 -0.12
N PRO A 205 1.79 -12.62 -0.46
CA PRO A 205 1.92 -13.71 0.51
C PRO A 205 2.55 -13.10 1.77
N PRO A 206 2.20 -13.61 2.95
CA PRO A 206 1.29 -14.71 3.27
C PRO A 206 -0.22 -14.46 3.07
N LEU A 207 -0.58 -13.29 2.52
CA LEU A 207 -1.99 -12.96 2.25
C LEU A 207 -2.93 -13.07 3.46
N SER A 208 -2.39 -12.84 4.66
CA SER A 208 -3.14 -12.91 5.91
C SER A 208 -4.33 -11.95 5.92
N GLU A 209 -5.48 -12.43 6.40
CA GLU A 209 -6.70 -11.63 6.46
C GLU A 209 -6.73 -10.88 7.79
N SER A 210 -5.76 -9.98 7.92
CA SER A 210 -5.54 -9.21 9.13
C SER A 210 -5.58 -7.71 8.87
N VAL A 211 -6.02 -7.31 7.69
CA VAL A 211 -6.00 -5.89 7.36
C VAL A 211 -7.32 -5.13 7.31
N THR A 212 -7.37 -4.02 8.04
CA THR A 212 -8.54 -3.16 7.93
C THR A 212 -8.06 -2.19 6.86
N TRP A 213 -8.66 -2.27 5.68
CA TRP A 213 -8.28 -1.38 4.59
C TRP A 213 -8.96 -0.03 4.65
N ILE A 214 -8.18 1.01 4.32
CA ILE A 214 -8.64 2.39 4.31
C ILE A 214 -8.06 2.98 3.06
N VAL A 215 -8.89 3.05 2.02
CA VAL A 215 -8.51 3.56 0.71
C VAL A 215 -8.97 5.00 0.57
N LEU A 216 -8.03 5.92 0.46
CA LEU A 216 -8.38 7.33 0.32
C LEU A 216 -9.06 7.59 -1.00
N ARG A 217 -10.13 8.37 -0.92
CA ARG A 217 -10.92 8.72 -2.09
C ARG A 217 -10.10 9.51 -3.11
N GLU A 218 -9.35 10.50 -2.63
CA GLU A 218 -8.58 11.37 -3.52
C GLU A 218 -7.15 10.93 -3.80
N PRO A 219 -6.76 10.89 -5.08
CA PRO A 219 -5.40 10.46 -5.43
C PRO A 219 -4.42 11.62 -5.39
N ILE A 220 -3.14 11.31 -5.38
CA ILE A 220 -2.13 12.35 -5.41
C ILE A 220 -1.59 12.26 -6.81
N SER A 221 -0.89 13.28 -7.23
CA SER A 221 -0.35 13.27 -8.57
C SER A 221 1.17 13.38 -8.57
N ILE A 222 1.79 12.69 -9.52
CA ILE A 222 3.24 12.76 -9.68
C ILE A 222 3.48 12.90 -11.18
N SER A 223 4.63 13.42 -11.58
CA SER A 223 4.90 13.57 -12.99
C SER A 223 5.22 12.21 -13.62
N GLU A 224 5.06 12.15 -14.94
CA GLU A 224 5.36 10.94 -15.68
C GLU A 224 6.83 10.55 -15.46
N ARG A 225 7.69 11.54 -15.26
CA ARG A 225 9.11 11.27 -15.02
C ARG A 225 9.29 10.59 -13.67
N GLN A 226 8.59 11.09 -12.66
CA GLN A 226 8.68 10.49 -11.34
C GLN A 226 8.15 9.06 -11.40
N MET A 227 7.08 8.85 -12.18
CA MET A 227 6.48 7.52 -12.32
C MET A 227 7.45 6.59 -13.06
N GLY A 228 8.12 7.14 -14.06
CA GLY A 228 9.08 6.35 -14.82
C GLY A 228 10.22 5.82 -13.97
N LYS A 229 10.69 6.60 -12.99
CA LYS A 229 11.79 6.14 -12.13
C LYS A 229 11.42 4.83 -11.44
N PHE A 230 10.18 4.69 -11.01
CA PHE A 230 9.74 3.45 -10.38
C PHE A 230 9.91 2.28 -11.36
N ARG A 231 9.60 2.50 -12.62
CA ARG A 231 9.74 1.44 -13.61
C ARG A 231 11.21 1.12 -13.92
N SER A 232 12.12 1.97 -13.47
CA SER A 232 13.55 1.73 -13.73
C SER A 232 14.09 0.72 -12.72
N LEU A 233 13.34 0.50 -11.63
CA LEU A 233 13.74 -0.46 -10.61
C LEU A 233 13.73 -1.84 -11.23
N LEU A 234 14.49 -2.76 -10.64
CA LEU A 234 14.55 -4.13 -11.13
C LEU A 234 14.07 -5.18 -10.13
N PHE A 235 13.50 -6.25 -10.65
CA PHE A 235 13.04 -7.38 -9.86
C PHE A 235 14.27 -8.22 -9.56
N THR A 236 15.22 -8.17 -10.49
CA THR A 236 16.45 -8.94 -10.43
C THR A 236 17.61 -8.37 -9.62
N SER A 237 18.42 -9.27 -9.09
CA SER A 237 19.57 -8.88 -8.30
C SER A 237 20.66 -8.36 -9.22
N GLU A 238 21.66 -7.72 -8.62
CA GLU A 238 22.77 -7.13 -9.35
C GLU A 238 23.47 -8.01 -10.38
N ASP A 239 23.49 -9.32 -10.17
CA ASP A 239 24.16 -10.21 -11.11
C ASP A 239 23.23 -10.78 -12.19
N ASP A 240 21.98 -11.03 -11.83
CA ASP A 240 21.00 -11.60 -12.75
C ASP A 240 20.67 -10.75 -13.98
N GLU A 241 20.04 -11.41 -14.96
CA GLU A 241 19.61 -10.76 -16.19
C GLU A 241 18.54 -9.76 -15.79
N ARG A 242 18.82 -8.49 -16.06
CA ARG A 242 17.90 -7.42 -15.71
C ARG A 242 16.45 -7.62 -16.13
N ILE A 243 15.58 -7.59 -15.14
CA ILE A 243 14.14 -7.73 -15.32
C ILE A 243 13.51 -6.58 -14.52
N HIS A 244 12.92 -5.64 -15.24
CA HIS A 244 12.31 -4.48 -14.63
C HIS A 244 11.11 -4.77 -13.74
N MET A 245 11.10 -4.10 -12.60
CA MET A 245 10.03 -4.26 -11.64
C MET A 245 8.83 -3.42 -12.07
N VAL A 246 7.89 -4.06 -12.75
CA VAL A 246 6.66 -3.44 -13.22
C VAL A 246 5.52 -4.44 -13.03
N ASN A 247 4.29 -3.94 -12.99
CA ASN A 247 3.11 -4.78 -12.80
C ASN A 247 3.23 -5.63 -11.54
N ASN A 248 3.70 -5.01 -10.46
CA ASN A 248 3.85 -5.69 -9.20
C ASN A 248 2.60 -5.44 -8.37
N PHE A 249 1.47 -5.89 -8.91
CA PHE A 249 0.19 -5.72 -8.25
C PHE A 249 -0.67 -6.99 -8.38
N ARG A 250 -1.58 -7.16 -7.43
CA ARG A 250 -2.49 -8.28 -7.41
C ARG A 250 -3.83 -7.77 -7.92
N PRO A 251 -4.50 -8.52 -8.81
CA PRO A 251 -5.80 -8.13 -9.35
C PRO A 251 -6.87 -8.15 -8.26
N PRO A 252 -8.04 -7.54 -8.53
CA PRO A 252 -9.14 -7.50 -7.58
C PRO A 252 -9.62 -8.90 -7.23
N GLN A 253 -10.01 -9.11 -5.99
CA GLN A 253 -10.45 -10.40 -5.53
C GLN A 253 -11.94 -10.38 -5.21
N PRO A 254 -12.56 -11.56 -5.04
CA PRO A 254 -13.99 -11.68 -4.74
C PRO A 254 -14.36 -10.95 -3.45
N LEU A 255 -15.47 -10.23 -3.51
CA LEU A 255 -15.97 -9.45 -2.37
C LEU A 255 -16.56 -10.38 -1.31
N LYS A 256 -17.23 -11.44 -1.78
CA LYS A 256 -17.81 -12.45 -0.92
C LYS A 256 -18.73 -11.94 0.20
N GLY A 257 -19.63 -11.04 -0.15
CA GLY A 257 -20.55 -10.52 0.84
C GLY A 257 -20.03 -9.48 1.80
N ARG A 258 -18.80 -9.02 1.59
CA ARG A 258 -18.22 -8.00 2.46
C ARG A 258 -18.85 -6.65 2.17
N VAL A 259 -19.01 -5.84 3.22
CA VAL A 259 -19.58 -4.51 3.12
C VAL A 259 -18.47 -3.47 3.00
N VAL A 260 -18.58 -2.62 1.98
CA VAL A 260 -17.58 -1.58 1.81
C VAL A 260 -18.23 -0.30 2.33
N LYS A 261 -17.61 0.34 3.30
CA LYS A 261 -18.16 1.59 3.84
C LYS A 261 -17.45 2.78 3.25
N ALA A 262 -18.14 3.92 3.23
CA ALA A 262 -17.62 5.17 2.71
C ALA A 262 -17.88 6.24 3.75
N SER A 263 -16.91 7.14 3.91
CA SER A 263 -17.02 8.24 4.89
C SER A 263 -17.74 9.41 4.23
N PHE A 264 -18.09 9.24 2.96
CA PHE A 264 -18.74 10.28 2.19
C PHE A 264 -19.84 9.70 1.31
N ARG A 265 -20.65 10.58 0.72
CA ARG A 265 -21.73 10.20 -0.19
C ARG A 265 -21.26 10.58 -1.60
N ALA A 266 -21.25 9.61 -2.51
CA ALA A 266 -20.80 9.86 -3.88
C ALA A 266 -21.68 10.85 -4.63
ZN ZN B . 1.01 -3.17 -0.90
CAO QOZ C . 2.93 -5.80 4.00
CAQ QOZ C . 1.88 -5.13 3.39
CBC QOZ C . 1.26 -5.71 2.29
SBG QOZ C . 0.01 -4.81 1.41
OAC QOZ C . -1.21 -5.52 1.61
OAD QOZ C . 0.07 -3.45 1.85
CAR QOZ C . 1.66 -6.94 1.80
CAP QOZ C . 2.70 -7.61 2.42
CAZ QOZ C . 3.33 -7.04 3.53
NAX QOZ C . 4.38 -7.76 4.15
C QOZ C . 5.12 -7.41 5.23
O QOZ C . 5.05 -6.34 5.81
CA QOZ C . 6.14 -8.47 5.65
N QOZ C . 5.70 -9.31 6.76
CAT QOZ C . 4.73 -10.33 6.32
CAV QOZ C . 4.26 -11.16 7.49
CAS QOZ C . 6.84 -9.99 7.39
CAU QOZ C . 6.37 -10.79 8.58
NBF QOZ C . 5.40 -11.81 8.16
CBD QOZ C . 4.97 -12.63 9.31
CBB QOZ C . 3.86 -13.61 8.94
CAM QOZ C . 4.10 -14.66 8.08
CAI QOZ C . 3.10 -15.59 7.79
CAF QOZ C . 1.86 -15.47 8.36
CAJ QOZ C . 1.61 -14.42 9.24
CAN QOZ C . 2.60 -13.51 9.53
CBA QOZ C . 6.14 -13.35 9.95
CAK QOZ C . 7.25 -13.71 9.21
CAG QOZ C . 8.37 -14.27 9.82
CAE QOZ C . 8.37 -14.48 11.18
CAH QOZ C . 7.26 -14.15 11.93
CAL QOZ C . 6.16 -13.60 11.32
NAA QOZ C . 0.39 -4.87 -0.15
#